data_5F5H
#
_entry.id   5F5H
#
_cell.length_a   89.660
_cell.length_b   115.790
_cell.length_c   42.610
_cell.angle_alpha   90.00
_cell.angle_beta   90.00
_cell.angle_gamma   90.00
#
_symmetry.space_group_name_H-M   'P 21 21 2'
#
loop_
_entity.id
_entity.type
_entity.pdbx_description
1 polymer Roquin-1
2 polymer "RNA (5'-R(P*CP*CP*AP*CP*AP*CP*CP*GP*UP*UP*CP*UP*AP*GP*GP*UP*GP*CP*UP*GP*G)-3')"
3 non-polymer GLYCEROL
4 water water
#
loop_
_entity_poly.entity_id
_entity_poly.type
_entity_poly.pdbx_seq_one_letter_code
_entity_poly.pdbx_strand_id
1 'polypeptide(L)'
;EEEGRIRAMRAARSLGERTVTELILQHQNPQQLSSNLWAAVRARGCQFLGPAMQEEALKLVLLALEDGSALSRKVLVLFV
VQRLEPRFPQASKTSIGHVVQLLYRASCFKVTKRDEDSSLMQLKEEFRTYEALRREHDSQIVQIAMEAGLRIAPDQWSSL
LYGDQSHKSHMQSIIDKLQT
;
A,B
2 'polyribonucleotide' UCCACACCGUUCUAGGUGCUGG C,D
#
loop_
_chem_comp.id
_chem_comp.type
_chem_comp.name
_chem_comp.formula
A RNA linking ADENOSINE-5'-MONOPHOSPHATE 'C10 H14 N5 O7 P'
C RNA linking CYTIDINE-5'-MONOPHOSPHATE 'C9 H14 N3 O8 P'
G RNA linking GUANOSINE-5'-MONOPHOSPHATE 'C10 H14 N5 O8 P'
GOL non-polymer GLYCEROL 'C3 H8 O3'
U RNA linking URIDINE-5'-MONOPHOSPHATE 'C9 H13 N2 O9 P'
#
# COMPACT_ATOMS: atom_id res chain seq x y z
N GLN A 32 -29.08 12.32 -6.25
CA GLN A 32 -28.87 12.60 -4.79
C GLN A 32 -27.59 11.95 -4.24
N LEU A 33 -27.33 10.70 -4.63
CA LEU A 33 -26.12 9.98 -4.18
C LEU A 33 -24.83 10.63 -4.70
N SER A 34 -24.91 11.23 -5.88
CA SER A 34 -23.82 12.05 -6.43
C SER A 34 -23.48 13.27 -5.56
N SER A 35 -24.51 14.01 -5.14
CA SER A 35 -24.35 15.32 -4.50
C SER A 35 -23.44 15.33 -3.28
N ASN A 36 -23.69 14.41 -2.36
CA ASN A 36 -22.89 14.30 -1.13
C ASN A 36 -21.44 13.89 -1.39
N LEU A 37 -21.23 13.01 -2.37
CA LEU A 37 -19.88 12.57 -2.75
C LEU A 37 -19.07 13.71 -3.36
N TRP A 38 -19.64 14.36 -4.38
CA TRP A 38 -18.94 15.44 -5.09
C TRP A 38 -18.70 16.67 -4.21
N ALA A 39 -19.59 16.91 -3.25
CA ALA A 39 -19.41 17.97 -2.25
C ALA A 39 -18.20 17.69 -1.35
N ALA A 40 -18.06 16.45 -0.88
CA ALA A 40 -16.91 16.03 -0.07
C ALA A 40 -15.60 16.04 -0.88
N VAL A 41 -15.68 15.69 -2.15
CA VAL A 41 -14.54 15.76 -3.07
C VAL A 41 -14.08 17.22 -3.22
N ARG A 42 -15.02 18.12 -3.44
CA ARG A 42 -14.73 19.55 -3.61
C ARG A 42 -14.32 20.24 -2.32
N ALA A 43 -14.83 19.76 -1.18
CA ALA A 43 -14.40 20.26 0.14
C ALA A 43 -12.90 20.03 0.42
N ARG A 44 -12.31 19.04 -0.25
CA ARG A 44 -10.88 18.73 -0.14
C ARG A 44 -10.05 19.27 -1.32
N GLY A 45 -10.57 20.26 -2.05
CA GLY A 45 -9.86 20.87 -3.17
C GLY A 45 -9.67 19.96 -4.39
N CYS A 46 -10.54 18.96 -4.53
CA CYS A 46 -10.48 18.02 -5.64
C CYS A 46 -11.72 18.13 -6.52
N GLN A 47 -11.72 17.38 -7.62
CA GLN A 47 -12.83 17.38 -8.54
C GLN A 47 -12.85 16.13 -9.42
N PHE A 48 -14.08 15.70 -9.73
CA PHE A 48 -14.33 14.67 -10.73
C PHE A 48 -15.13 15.36 -11.83
N LEU A 49 -14.59 15.33 -13.05
CA LEU A 49 -15.16 16.06 -14.19
C LEU A 49 -16.19 15.24 -14.96
N GLY A 50 -16.28 13.95 -14.68
CA GLY A 50 -17.20 13.04 -15.37
C GLY A 50 -16.39 11.90 -15.98
N PRO A 51 -17.02 10.74 -16.24
CA PRO A 51 -16.25 9.57 -16.71
C PRO A 51 -15.36 9.84 -17.93
N ALA A 52 -15.93 10.38 -19.00
CA ALA A 52 -15.17 10.66 -20.23
C ALA A 52 -14.12 11.75 -20.03
N MET A 53 -14.51 12.85 -19.39
CA MET A 53 -13.61 13.98 -19.18
C MET A 53 -12.48 13.68 -18.21
N GLN A 54 -12.78 12.99 -17.11
CA GLN A 54 -11.75 12.63 -16.12
C GLN A 54 -10.75 11.63 -16.74
N GLU A 55 -11.26 10.64 -17.48
CA GLU A 55 -10.39 9.71 -18.20
C GLU A 55 -9.39 10.42 -19.13
N GLU A 56 -9.88 11.30 -19.99
CA GLU A 56 -9.01 12.04 -20.91
C GLU A 56 -8.01 12.93 -20.17
N ALA A 57 -8.50 13.64 -19.14
CA ALA A 57 -7.64 14.44 -18.27
C ALA A 57 -6.47 13.65 -17.69
N LEU A 58 -6.74 12.45 -17.19
CA LEU A 58 -5.70 11.58 -16.62
C LEU A 58 -4.73 11.05 -17.69
N LYS A 59 -5.25 10.70 -18.86
CA LYS A 59 -4.41 10.31 -20.00
C LYS A 59 -3.51 11.46 -20.51
N LEU A 60 -3.95 12.70 -20.34
CA LEU A 60 -3.15 13.87 -20.70
C LEU A 60 -2.05 14.16 -19.67
N VAL A 61 -2.31 13.83 -18.40
CA VAL A 61 -1.28 13.85 -17.35
C VAL A 61 -0.17 12.86 -17.71
N LEU A 62 -0.56 11.67 -18.16
CA LEU A 62 0.39 10.65 -18.63
C LEU A 62 1.18 11.13 -19.85
N LEU A 63 0.52 11.78 -20.80
CA LEU A 63 1.22 12.36 -21.97
C LEU A 63 2.36 13.31 -21.55
N ALA A 64 2.09 14.13 -20.55
CA ALA A 64 3.07 15.06 -20.00
C ALA A 64 4.17 14.37 -19.19
N LEU A 65 3.78 13.41 -18.34
CA LEU A 65 4.65 12.89 -17.27
C LEU A 65 5.15 11.44 -17.40
N GLU A 66 4.61 10.66 -18.33
CA GLU A 66 5.05 9.25 -18.51
C GLU A 66 6.56 9.08 -18.74
N ASP A 67 7.18 10.01 -19.48
CA ASP A 67 8.62 9.94 -19.75
C ASP A 67 9.54 10.53 -18.65
N GLY A 68 8.96 11.01 -17.55
CA GLY A 68 9.72 11.46 -16.39
C GLY A 68 9.94 12.96 -16.31
N SER A 69 9.19 13.75 -17.09
CA SER A 69 9.34 15.19 -17.09
C SER A 69 8.90 15.76 -15.75
N ALA A 70 9.64 16.77 -15.28
CA ALA A 70 9.37 17.43 -14.01
C ALA A 70 8.73 18.78 -14.32
N LEU A 71 7.42 18.82 -14.19
CA LEU A 71 6.62 20.00 -14.51
C LEU A 71 6.13 20.65 -13.24
N SER A 72 6.19 21.98 -13.19
CA SER A 72 5.47 22.73 -12.17
C SER A 72 3.98 22.45 -12.30
N ARG A 73 3.25 22.71 -11.22
CA ARG A 73 1.80 22.56 -11.22
C ARG A 73 1.17 23.43 -12.30
N LYS A 74 1.65 24.66 -12.42
CA LYS A 74 1.19 25.62 -13.43
C LYS A 74 1.29 25.05 -14.85
N VAL A 75 2.47 24.53 -15.19
CA VAL A 75 2.76 24.04 -16.53
C VAL A 75 2.01 22.74 -16.88
N LEU A 76 1.90 21.82 -15.92
CA LEU A 76 1.12 20.59 -16.09
C LEU A 76 -0.34 20.91 -16.37
N VAL A 77 -0.90 21.83 -15.59
CA VAL A 77 -2.27 22.31 -15.77
C VAL A 77 -2.43 23.00 -17.13
N LEU A 78 -1.47 23.85 -17.50
CA LEU A 78 -1.51 24.48 -18.84
C LEU A 78 -1.41 23.43 -19.95
N PHE A 79 -0.59 22.39 -19.77
CA PHE A 79 -0.47 21.31 -20.78
C PHE A 79 -1.80 20.56 -20.98
N VAL A 80 -2.43 20.18 -19.87
CA VAL A 80 -3.64 19.36 -19.91
C VAL A 80 -4.84 20.14 -20.43
N VAL A 81 -5.02 21.36 -19.94
CA VAL A 81 -6.15 22.23 -20.32
C VAL A 81 -6.21 22.47 -21.84
N GLN A 82 -5.06 22.78 -22.44
CA GLN A 82 -4.94 23.02 -23.90
CA GLN A 82 -5.04 23.05 -23.89
C GLN A 82 -5.45 21.84 -24.72
N ARG A 83 -5.02 20.65 -24.33
CA ARG A 83 -5.35 19.42 -25.07
C ARG A 83 -6.77 18.92 -24.78
N LEU A 84 -7.32 19.29 -23.62
CA LEU A 84 -8.65 18.84 -23.20
C LEU A 84 -9.80 19.75 -23.68
N GLU A 85 -9.55 21.06 -23.80
CA GLU A 85 -10.63 22.02 -24.09
C GLU A 85 -11.24 21.95 -25.52
N PRO A 86 -10.53 21.38 -26.51
CA PRO A 86 -11.18 21.11 -27.80
C PRO A 86 -12.30 20.07 -27.69
N ARG A 87 -12.04 18.94 -27.04
CA ARG A 87 -13.07 17.93 -26.79
C ARG A 87 -14.06 18.38 -25.72
N PHE A 88 -13.55 19.03 -24.67
CA PHE A 88 -14.35 19.47 -23.53
C PHE A 88 -14.16 20.97 -23.27
N PRO A 89 -14.95 21.85 -23.96
CA PRO A 89 -14.82 23.31 -23.84
C PRO A 89 -14.85 23.92 -22.42
N GLN A 90 -15.54 23.25 -21.49
CA GLN A 90 -15.64 23.75 -20.11
C GLN A 90 -14.36 23.58 -19.27
N ALA A 91 -13.38 22.81 -19.76
CA ALA A 91 -12.10 22.63 -19.09
C ALA A 91 -11.42 23.96 -18.77
N SER A 92 -10.91 24.08 -17.54
CA SER A 92 -10.27 25.30 -17.07
C SER A 92 -9.02 24.98 -16.26
N LYS A 93 -8.18 25.99 -16.07
CA LYS A 93 -7.04 25.91 -15.15
C LYS A 93 -7.47 25.47 -13.75
N THR A 94 -8.59 26.02 -13.29
CA THR A 94 -9.13 25.80 -11.95
C THR A 94 -9.64 24.37 -11.80
N SER A 95 -10.49 23.93 -12.74
CA SER A 95 -11.05 22.57 -12.66
C SER A 95 -10.01 21.48 -12.87
N ILE A 96 -9.04 21.71 -13.75
CA ILE A 96 -7.94 20.75 -13.96
C ILE A 96 -6.96 20.72 -12.78
N GLY A 97 -6.72 21.89 -12.17
CA GLY A 97 -5.96 21.98 -10.93
C GLY A 97 -6.55 21.13 -9.83
N HIS A 98 -7.88 21.08 -9.77
CA HIS A 98 -8.58 20.23 -8.80
C HIS A 98 -8.41 18.73 -9.08
N VAL A 99 -8.32 18.35 -10.35
CA VAL A 99 -8.00 16.95 -10.71
C VAL A 99 -6.57 16.61 -10.30
N VAL A 100 -5.63 17.50 -10.60
CA VAL A 100 -4.23 17.32 -10.20
C VAL A 100 -4.11 17.15 -8.68
N GLN A 101 -4.88 17.94 -7.92
CA GLN A 101 -4.88 17.85 -6.46
C GLN A 101 -5.31 16.47 -5.93
N LEU A 102 -6.22 15.82 -6.64
CA LEU A 102 -6.68 14.47 -6.30
C LEU A 102 -5.53 13.46 -6.39
N LEU A 103 -4.65 13.65 -7.37
CA LEU A 103 -3.48 12.80 -7.54
C LEU A 103 -2.38 13.20 -6.55
N TYR A 104 -2.29 14.50 -6.24
CA TYR A 104 -1.44 15.01 -5.16
C TYR A 104 -1.81 14.37 -3.82
N ARG A 105 -3.12 14.35 -3.52
CA ARG A 105 -3.63 13.80 -2.26
C ARG A 105 -3.38 12.29 -2.20
N ALA A 106 -3.50 11.62 -3.35
CA ALA A 106 -3.24 10.18 -3.50
C ALA A 106 -1.76 9.81 -3.57
N SER A 107 -0.88 10.81 -3.55
CA SER A 107 0.57 10.60 -3.49
C SER A 107 1.16 10.03 -4.78
N CYS A 108 0.63 10.48 -5.91
CA CYS A 108 1.07 9.98 -7.23
C CYS A 108 2.37 10.60 -7.72
N PHE A 109 2.76 11.75 -7.16
CA PHE A 109 3.92 12.50 -7.63
C PHE A 109 5.18 12.31 -6.78
N LYS A 110 6.34 12.42 -7.43
CA LYS A 110 7.60 12.73 -6.74
C LYS A 110 7.69 14.25 -6.80
N VAL A 111 7.71 14.90 -5.64
CA VAL A 111 7.75 16.36 -5.58
C VAL A 111 9.15 16.86 -5.23
N THR A 112 9.75 17.60 -6.15
CA THR A 112 11.02 18.27 -5.94
C THR A 112 10.72 19.72 -5.53
N LYS A 113 10.82 20.00 -4.23
CA LYS A 113 10.68 21.36 -3.72
C LYS A 113 11.95 22.15 -4.01
N ARG A 114 11.78 23.46 -4.21
CA ARG A 114 12.87 24.37 -4.52
C ARG A 114 12.73 25.64 -3.69
N ASP A 115 13.86 26.22 -3.28
CA ASP A 115 13.86 27.43 -2.46
C ASP A 115 13.32 28.61 -3.27
N GLU A 116 12.36 29.33 -2.68
CA GLU A 116 11.70 30.50 -3.29
C GLU A 116 10.76 30.15 -4.46
N ASP A 117 11.26 29.42 -5.46
CA ASP A 117 10.46 28.97 -6.61
C ASP A 117 9.41 27.90 -6.27
N SER A 118 8.53 27.64 -7.25
CA SER A 118 7.50 26.61 -7.18
C SER A 118 8.08 25.20 -7.35
N SER A 119 7.39 24.21 -6.78
CA SER A 119 7.84 22.81 -6.83
C SER A 119 7.63 22.19 -8.22
N LEU A 120 8.49 21.25 -8.57
CA LEU A 120 8.31 20.43 -9.78
C LEU A 120 7.77 19.05 -9.39
N MET A 121 6.88 18.52 -10.23
CA MET A 121 6.24 17.24 -10.00
C MET A 121 6.51 16.29 -11.16
N GLN A 122 6.92 15.07 -10.81
CA GLN A 122 7.02 13.96 -11.76
C GLN A 122 6.08 12.87 -11.29
N LEU A 123 5.56 12.07 -12.22
CA LEU A 123 4.83 10.87 -11.85
C LEU A 123 5.80 9.85 -11.27
N LYS A 124 5.43 9.26 -10.13
CA LYS A 124 6.17 8.13 -9.58
C LYS A 124 6.17 7.02 -10.62
N GLU A 125 7.31 6.33 -10.74
CA GLU A 125 7.52 5.34 -11.81
C GLU A 125 6.41 4.28 -11.86
N GLU A 126 5.90 3.90 -10.70
CA GLU A 126 4.82 2.91 -10.58
C GLU A 126 3.44 3.36 -11.06
N PHE A 127 3.21 4.66 -11.23
CA PHE A 127 1.93 5.19 -11.71
C PHE A 127 1.99 5.79 -13.12
N ARG A 128 2.91 5.30 -13.96
CA ARG A 128 3.11 5.85 -15.31
C ARG A 128 2.37 5.06 -16.41
N THR A 129 1.40 4.26 -16.01
CA THR A 129 0.41 3.68 -16.91
C THR A 129 -0.97 4.11 -16.45
N TYR A 130 -1.95 4.03 -17.35
CA TYR A 130 -3.30 4.49 -17.07
C TYR A 130 -3.96 3.74 -15.92
N GLU A 131 -3.92 2.41 -15.98
CA GLU A 131 -4.61 1.57 -14.99
C GLU A 131 -4.02 1.74 -13.60
N ALA A 132 -2.70 1.92 -13.51
CA ALA A 132 -2.04 2.15 -12.21
C ALA A 132 -2.43 3.51 -11.63
N LEU A 133 -2.38 4.54 -12.47
CA LEU A 133 -2.77 5.91 -12.06
C LEU A 133 -4.25 5.98 -11.70
N ARG A 134 -5.08 5.36 -12.52
CA ARG A 134 -6.52 5.35 -12.33
C ARG A 134 -6.94 4.63 -11.04
N ARG A 135 -6.29 3.50 -10.74
CA ARG A 135 -6.51 2.78 -9.48
C ARG A 135 -6.25 3.70 -8.29
N GLU A 136 -5.12 4.39 -8.34
CA GLU A 136 -4.74 5.32 -7.27
C GLU A 136 -5.71 6.50 -7.15
N HIS A 137 -6.11 7.05 -8.30
CA HIS A 137 -7.14 8.09 -8.38
C HIS A 137 -8.49 7.62 -7.80
N ASP A 138 -8.96 6.47 -8.24
CA ASP A 138 -10.25 5.91 -7.77
C ASP A 138 -10.23 5.61 -6.27
N SER A 139 -9.14 4.98 -5.81
CA SER A 139 -8.91 4.70 -4.40
C SER A 139 -9.03 5.96 -3.54
N GLN A 140 -8.48 7.06 -4.03
CA GLN A 140 -8.54 8.33 -3.32
C GLN A 140 -9.96 8.88 -3.16
N ILE A 141 -10.78 8.76 -4.20
CA ILE A 141 -12.18 9.19 -4.14
C ILE A 141 -12.96 8.31 -3.14
N VAL A 142 -12.68 7.01 -3.14
CA VAL A 142 -13.31 6.08 -2.21
C VAL A 142 -12.91 6.41 -0.76
N GLN A 143 -11.64 6.74 -0.54
CA GLN A 143 -11.16 7.19 0.78
C GLN A 143 -11.89 8.43 1.29
N ILE A 144 -12.05 9.42 0.40
CA ILE A 144 -12.80 10.65 0.72
C ILE A 144 -14.26 10.33 1.07
N ALA A 145 -14.87 9.39 0.35
CA ALA A 145 -16.24 8.92 0.63
C ALA A 145 -16.33 8.26 2.00
N MET A 146 -15.34 7.42 2.34
CA MET A 146 -15.25 6.79 3.65
C MET A 146 -15.02 7.81 4.77
N GLU A 147 -14.14 8.77 4.54
CA GLU A 147 -13.91 9.88 5.49
C GLU A 147 -15.14 10.78 5.69
N ALA A 148 -16.00 10.87 4.66
CA ALA A 148 -17.25 11.64 4.75
C ALA A 148 -18.44 10.86 5.32
N GLY A 149 -18.22 9.60 5.72
CA GLY A 149 -19.26 8.76 6.29
C GLY A 149 -20.30 8.25 5.30
N LEU A 150 -19.93 8.25 4.02
CA LEU A 150 -20.84 7.83 2.95
C LEU A 150 -20.67 6.34 2.68
N ARG A 151 -21.77 5.68 2.36
CA ARG A 151 -21.78 4.26 2.00
C ARG A 151 -22.24 4.18 0.55
N ILE A 152 -21.35 3.69 -0.31
CA ILE A 152 -21.61 3.57 -1.75
C ILE A 152 -21.18 2.17 -2.18
N ALA A 153 -22.11 1.44 -2.78
CA ALA A 153 -21.86 0.06 -3.24
C ALA A 153 -20.98 0.06 -4.50
N PRO A 154 -20.32 -1.08 -4.80
CA PRO A 154 -19.50 -1.21 -6.01
C PRO A 154 -20.21 -0.88 -7.34
N ASP A 155 -21.47 -1.27 -7.48
CA ASP A 155 -22.22 -0.96 -8.70
C ASP A 155 -22.49 0.54 -8.85
N GLN A 156 -22.78 1.20 -7.74
CA GLN A 156 -22.95 2.66 -7.71
C GLN A 156 -21.63 3.37 -8.03
N TRP A 157 -20.53 2.87 -7.47
CA TRP A 157 -19.18 3.36 -7.79
C TRP A 157 -18.83 3.25 -9.28
N SER A 158 -19.08 2.08 -9.86
CA SER A 158 -18.84 1.84 -11.29
C SER A 158 -19.59 2.84 -12.18
N SER A 159 -20.85 3.10 -11.84
CA SER A 159 -21.65 4.11 -12.55
C SER A 159 -21.05 5.50 -12.40
N LEU A 160 -20.79 5.91 -11.17
CA LEU A 160 -20.28 7.26 -10.86
C LEU A 160 -18.94 7.58 -11.52
N LEU A 161 -18.04 6.61 -11.56
CA LEU A 161 -16.67 6.84 -12.06
C LEU A 161 -16.43 6.42 -13.52
N TYR A 162 -17.26 5.53 -14.06
CA TYR A 162 -17.10 5.06 -15.45
C TYR A 162 -18.32 5.18 -16.38
N GLY A 163 -19.50 5.53 -15.86
CA GLY A 163 -20.72 5.60 -16.66
C GLY A 163 -21.15 4.28 -17.28
N ASP A 164 -20.89 3.19 -16.57
CA ASP A 164 -21.25 1.83 -16.99
C ASP A 164 -21.15 0.87 -15.79
N GLN A 165 -21.47 -0.40 -16.00
CA GLN A 165 -21.37 -1.43 -14.95
C GLN A 165 -20.31 -2.48 -15.25
N SER A 166 -19.29 -2.12 -16.04
CA SER A 166 -18.20 -3.04 -16.42
C SER A 166 -16.94 -2.87 -15.56
N HIS A 167 -17.02 -2.08 -14.48
CA HIS A 167 -15.91 -1.90 -13.54
C HIS A 167 -16.35 -2.23 -12.12
N LYS A 168 -17.19 -3.26 -11.97
CA LYS A 168 -17.78 -3.62 -10.69
C LYS A 168 -16.74 -4.26 -9.77
N SER A 169 -16.05 -5.27 -10.29
CA SER A 169 -15.03 -6.00 -9.53
CA SER A 169 -15.03 -6.00 -9.53
C SER A 169 -13.80 -5.13 -9.27
N HIS A 170 -13.51 -4.21 -10.20
CA HIS A 170 -12.45 -3.21 -10.03
C HIS A 170 -12.67 -2.35 -8.78
N MET A 171 -13.91 -1.87 -8.59
CA MET A 171 -14.25 -1.03 -7.44
C MET A 171 -14.29 -1.83 -6.15
N GLN A 172 -14.92 -3.01 -6.20
CA GLN A 172 -14.95 -3.92 -5.04
C GLN A 172 -13.55 -4.28 -4.56
N SER A 173 -12.65 -4.57 -5.52
CA SER A 173 -11.22 -4.79 -5.23
C SER A 173 -10.59 -3.61 -4.49
N ILE A 174 -10.89 -2.40 -4.94
CA ILE A 174 -10.39 -1.17 -4.30
C ILE A 174 -10.94 -0.96 -2.90
N ILE A 175 -12.24 -1.22 -2.72
CA ILE A 175 -12.89 -1.12 -1.40
C ILE A 175 -12.27 -2.13 -0.43
N ASP A 176 -12.08 -3.37 -0.89
CA ASP A 176 -11.50 -4.45 -0.08
C ASP A 176 -10.10 -4.13 0.46
N LYS A 177 -9.27 -3.49 -0.36
CA LYS A 177 -7.93 -3.08 0.07
C LYS A 177 -7.94 -1.89 1.05
N LEU A 178 -8.90 -0.98 0.90
CA LEU A 178 -9.07 0.14 1.85
C LEU A 178 -9.62 -0.29 3.22
N GLN A 179 -10.37 -1.38 3.26
CA GLN A 179 -10.93 -1.90 4.51
C GLN A 179 -9.94 -2.88 5.17
N GLN B 28 15.66 8.06 -4.78
CA GLN B 28 16.11 7.26 -3.59
C GLN B 28 17.04 6.11 -3.99
N ASN B 29 18.29 6.15 -3.54
CA ASN B 29 19.24 5.05 -3.74
C ASN B 29 18.81 3.82 -2.91
N PRO B 30 19.35 2.61 -3.23
CA PRO B 30 18.92 1.41 -2.49
C PRO B 30 19.14 1.44 -0.97
N GLN B 31 20.14 2.18 -0.51
CA GLN B 31 20.39 2.37 0.93
C GLN B 31 19.29 3.22 1.58
N GLN B 32 18.81 4.25 0.87
CA GLN B 32 17.70 5.08 1.37
C GLN B 32 16.39 4.32 1.44
N LEU B 33 16.15 3.46 0.45
CA LEU B 33 14.99 2.57 0.42
C LEU B 33 15.02 1.56 1.57
N SER B 34 16.21 1.07 1.91
CA SER B 34 16.39 0.17 3.06
C SER B 34 16.07 0.84 4.39
N SER B 35 16.64 2.02 4.61
CA SER B 35 16.39 2.81 5.84
C SER B 35 14.91 3.16 5.99
N ASN B 36 14.28 3.59 4.90
CA ASN B 36 12.85 3.92 4.91
C ASN B 36 11.95 2.70 5.10
N LEU B 37 12.37 1.54 4.59
CA LEU B 37 11.64 0.30 4.81
C LEU B 37 11.58 -0.04 6.30
N TRP B 38 12.75 -0.20 6.93
CA TRP B 38 12.81 -0.59 8.34
C TRP B 38 12.21 0.48 9.27
N ALA B 39 12.24 1.74 8.83
CA ALA B 39 11.52 2.82 9.53
C ALA B 39 10.00 2.58 9.49
N ALA B 40 9.48 2.25 8.31
CA ALA B 40 8.05 1.94 8.14
C ALA B 40 7.64 0.62 8.82
N VAL B 41 8.55 -0.35 8.87
CA VAL B 41 8.31 -1.61 9.56
C VAL B 41 8.17 -1.38 11.06
N ARG B 42 9.16 -0.68 11.64
CA ARG B 42 9.14 -0.36 13.07
C ARG B 42 8.04 0.64 13.45
N ALA B 43 7.63 1.48 12.50
CA ALA B 43 6.47 2.37 12.69
C ALA B 43 5.14 1.63 12.96
N ARG B 44 5.02 0.41 12.46
CA ARG B 44 3.82 -0.42 12.67
C ARG B 44 4.04 -1.51 13.73
N GLY B 45 4.97 -1.27 14.66
CA GLY B 45 5.23 -2.18 15.78
C GLY B 45 5.72 -3.56 15.38
N CYS B 46 6.40 -3.65 14.23
CA CYS B 46 6.97 -4.90 13.74
C CYS B 46 8.49 -4.77 13.68
N GLN B 47 9.17 -5.90 13.52
CA GLN B 47 10.62 -5.90 13.43
C GLN B 47 11.14 -7.08 12.62
N PHE B 48 12.24 -6.82 11.92
CA PHE B 48 12.99 -7.85 11.22
C PHE B 48 14.37 -7.89 11.86
N LEU B 49 14.75 -9.07 12.36
CA LEU B 49 15.96 -9.25 13.16
C LEU B 49 17.17 -9.72 12.34
N GLY B 50 17.11 -9.52 11.02
CA GLY B 50 18.13 -10.03 10.10
C GLY B 50 17.80 -11.44 9.64
N PRO B 51 18.33 -11.85 8.47
CA PRO B 51 18.08 -13.19 7.89
C PRO B 51 18.19 -14.36 8.86
N ALA B 52 19.31 -14.47 9.56
CA ALA B 52 19.59 -15.62 10.41
C ALA B 52 18.63 -15.69 11.60
N MET B 53 18.54 -14.59 12.34
CA MET B 53 17.73 -14.54 13.55
C MET B 53 16.22 -14.66 13.26
N GLN B 54 15.75 -14.00 12.20
CA GLN B 54 14.34 -14.05 11.82
C GLN B 54 13.91 -15.47 11.44
N GLU B 55 14.71 -16.14 10.62
CA GLU B 55 14.49 -17.55 10.28
C GLU B 55 14.28 -18.42 11.52
N GLU B 56 15.25 -18.42 12.44
CA GLU B 56 15.13 -19.22 13.67
C GLU B 56 13.94 -18.81 14.55
N ALA B 57 13.66 -17.51 14.63
CA ALA B 57 12.50 -17.01 15.38
C ALA B 57 11.20 -17.58 14.86
N LEU B 58 11.06 -17.64 13.53
CA LEU B 58 9.84 -18.18 12.91
C LEU B 58 9.77 -19.70 13.02
N LYS B 59 10.93 -20.36 12.98
CA LYS B 59 10.99 -21.81 13.21
C LYS B 59 10.63 -22.17 14.66
N LEU B 60 10.93 -21.27 15.60
CA LEU B 60 10.50 -21.44 17.00
C LEU B 60 9.00 -21.17 17.19
N VAL B 61 8.43 -20.23 16.44
CA VAL B 61 6.97 -20.03 16.40
C VAL B 61 6.30 -21.31 15.90
N LEU B 62 6.84 -21.89 14.83
CA LEU B 62 6.37 -23.18 14.34
C LEU B 62 6.49 -24.27 15.40
N LEU B 63 7.63 -24.35 16.08
CA LEU B 63 7.81 -25.36 17.12
C LEU B 63 6.70 -25.32 18.15
N ALA B 64 6.33 -24.11 18.59
CA ALA B 64 5.26 -23.93 19.57
C ALA B 64 3.86 -24.22 19.01
N LEU B 65 3.62 -23.82 17.75
CA LEU B 65 2.26 -23.79 17.17
C LEU B 65 1.95 -24.77 16.03
N GLU B 66 2.95 -25.48 15.50
CA GLU B 66 2.71 -26.46 14.41
C GLU B 66 1.63 -27.49 14.74
N ASP B 67 1.60 -27.99 15.98
CA ASP B 67 0.61 -29.00 16.38
C ASP B 67 -0.79 -28.47 16.73
N GLY B 68 -1.01 -27.15 16.63
CA GLY B 68 -2.31 -26.54 16.89
C GLY B 68 -2.55 -26.08 18.32
N SER B 69 -1.47 -25.93 19.11
CA SER B 69 -1.55 -25.40 20.47
C SER B 69 -2.02 -23.94 20.44
N ALA B 70 -2.76 -23.54 21.48
CA ALA B 70 -3.38 -22.22 21.56
C ALA B 70 -2.73 -21.44 22.70
N LEU B 71 -1.72 -20.67 22.35
CA LEU B 71 -0.91 -19.94 23.31
C LEU B 71 -1.32 -18.50 23.31
N SER B 72 -1.29 -17.87 24.47
CA SER B 72 -1.41 -16.42 24.56
C SER B 72 -0.18 -15.79 23.90
N ARG B 73 -0.24 -14.49 23.65
CA ARG B 73 0.91 -13.77 23.11
C ARG B 73 2.07 -13.84 24.10
N LYS B 74 1.78 -13.59 25.37
CA LYS B 74 2.76 -13.69 26.48
C LYS B 74 3.55 -15.01 26.43
N VAL B 75 2.84 -16.12 26.33
CA VAL B 75 3.44 -17.45 26.41
C VAL B 75 4.23 -17.79 25.14
N LEU B 76 3.63 -17.46 23.99
CA LEU B 76 4.31 -17.58 22.69
C LEU B 76 5.64 -16.83 22.69
N VAL B 77 5.61 -15.57 23.17
CA VAL B 77 6.80 -14.73 23.26
C VAL B 77 7.85 -15.35 24.19
N LEU B 78 7.42 -15.84 25.36
CA LEU B 78 8.34 -16.46 26.31
C LEU B 78 8.96 -17.75 25.76
N PHE B 79 8.15 -18.56 25.08
CA PHE B 79 8.63 -19.80 24.45
C PHE B 79 9.76 -19.52 23.46
N VAL B 80 9.53 -18.59 22.54
CA VAL B 80 10.48 -18.28 21.47
C VAL B 80 11.74 -17.65 22.08
N VAL B 81 11.56 -16.61 22.90
CA VAL B 81 12.68 -15.87 23.49
C VAL B 81 13.69 -16.79 24.19
N GLN B 82 13.19 -17.70 25.02
CA GLN B 82 14.03 -18.62 25.78
C GLN B 82 14.84 -19.55 24.89
N ARG B 83 14.20 -20.09 23.86
CA ARG B 83 14.84 -21.03 22.95
C ARG B 83 15.75 -20.34 21.91
N LEU B 84 15.60 -19.02 21.75
CA LEU B 84 16.40 -18.23 20.80
C LEU B 84 17.63 -17.56 21.41
N GLU B 85 17.51 -17.07 22.65
CA GLU B 85 18.52 -16.18 23.25
C GLU B 85 19.91 -16.78 23.58
N PRO B 86 20.01 -18.12 23.74
CA PRO B 86 21.36 -18.71 23.79
C PRO B 86 22.13 -18.55 22.49
N ARG B 87 21.44 -18.73 21.37
CA ARG B 87 22.01 -18.58 20.03
C ARG B 87 22.16 -17.10 19.66
N PHE B 88 21.18 -16.29 20.06
CA PHE B 88 21.12 -14.87 19.75
C PHE B 88 20.78 -14.04 21.01
N PRO B 89 21.81 -13.62 21.77
CA PRO B 89 21.58 -12.99 23.11
C PRO B 89 20.79 -11.69 23.10
N GLN B 90 20.81 -10.96 21.99
CA GLN B 90 19.99 -9.74 21.82
C GLN B 90 18.47 -9.99 21.83
N ALA B 91 18.03 -11.24 21.67
CA ALA B 91 16.61 -11.59 21.74
C ALA B 91 15.99 -11.18 23.08
N SER B 92 14.97 -10.33 23.03
CA SER B 92 14.21 -9.90 24.21
C SER B 92 12.73 -10.05 23.94
N LYS B 93 11.94 -10.03 25.00
CA LYS B 93 10.47 -10.10 24.89
C LYS B 93 9.91 -9.01 23.95
N THR B 94 10.48 -7.81 24.01
CA THR B 94 10.08 -6.70 23.15
C THR B 94 10.27 -7.00 21.66
N SER B 95 11.50 -7.36 21.28
CA SER B 95 11.83 -7.57 19.87
C SER B 95 11.08 -8.77 19.30
N ILE B 96 10.96 -9.83 20.09
CA ILE B 96 10.18 -11.01 19.68
C ILE B 96 8.70 -10.69 19.61
N GLY B 97 8.23 -9.85 20.52
CA GLY B 97 6.88 -9.29 20.43
C GLY B 97 6.61 -8.60 19.11
N HIS B 98 7.61 -7.86 18.61
CA HIS B 98 7.51 -7.16 17.33
C HIS B 98 7.47 -8.12 16.13
N VAL B 99 8.20 -9.24 16.21
CA VAL B 99 8.15 -10.28 15.16
C VAL B 99 6.77 -10.96 15.13
N VAL B 100 6.19 -11.17 16.31
CA VAL B 100 4.86 -11.78 16.45
C VAL B 100 3.78 -10.85 15.87
N GLN B 101 3.94 -9.54 16.05
CA GLN B 101 3.06 -8.54 15.45
C GLN B 101 3.09 -8.54 13.91
N LEU B 102 4.25 -8.82 13.34
CA LEU B 102 4.37 -8.95 11.88
C LEU B 102 3.46 -10.07 11.37
N LEU B 103 3.47 -11.19 12.09
CA LEU B 103 2.59 -12.33 11.79
C LEU B 103 1.14 -12.02 12.14
N TYR B 104 0.92 -11.22 13.19
CA TYR B 104 -0.40 -10.70 13.53
C TYR B 104 -1.02 -9.87 12.39
N ARG B 105 -0.23 -8.93 11.85
CA ARG B 105 -0.67 -8.12 10.69
C ARG B 105 -0.87 -8.97 9.43
N ALA B 106 -0.04 -10.00 9.25
CA ALA B 106 -0.14 -10.91 8.10
C ALA B 106 -1.36 -11.82 8.13
N SER B 107 -2.05 -11.88 9.27
CA SER B 107 -3.26 -12.68 9.47
C SER B 107 -2.93 -14.16 9.53
N CYS B 108 -1.77 -14.49 10.12
CA CYS B 108 -1.29 -15.87 10.22
C CYS B 108 -1.98 -16.66 11.33
N PHE B 109 -2.53 -15.98 12.34
CA PHE B 109 -3.09 -16.65 13.50
C PHE B 109 -4.60 -16.84 13.43
N LYS B 110 -5.07 -17.95 13.99
CA LYS B 110 -6.47 -18.13 14.37
C LYS B 110 -6.53 -17.64 15.81
N VAL B 111 -7.24 -16.53 16.05
CA VAL B 111 -7.32 -15.90 17.37
C VAL B 111 -8.63 -16.24 18.08
N THR B 112 -8.52 -16.72 19.32
CA THR B 112 -9.68 -17.02 20.17
C THR B 112 -9.75 -15.98 21.27
N LYS B 113 -10.67 -15.02 21.11
CA LYS B 113 -10.93 -13.98 22.10
C LYS B 113 -11.72 -14.57 23.27
N ARG B 114 -11.52 -13.98 24.45
CA ARG B 114 -12.24 -14.39 25.67
C ARG B 114 -12.57 -13.13 26.50
N ASP B 115 -13.81 -13.05 26.98
CA ASP B 115 -14.34 -11.79 27.55
C ASP B 115 -13.49 -11.22 28.70
N GLU B 116 -13.15 -12.06 29.67
CA GLU B 116 -12.30 -11.66 30.80
C GLU B 116 -10.85 -12.11 30.58
N ASP B 117 -10.66 -13.38 30.24
CA ASP B 117 -9.34 -14.00 30.15
C ASP B 117 -8.58 -13.59 28.87
N SER B 118 -7.29 -13.94 28.84
CA SER B 118 -6.40 -13.55 27.74
C SER B 118 -6.72 -14.25 26.41
N SER B 119 -6.46 -13.55 25.31
CA SER B 119 -6.65 -14.08 23.96
C SER B 119 -5.60 -15.12 23.62
N LEU B 120 -6.02 -16.22 23.00
CA LEU B 120 -5.12 -17.29 22.56
C LEU B 120 -4.96 -17.28 21.03
N MET B 121 -3.76 -17.64 20.59
CA MET B 121 -3.41 -17.66 19.17
C MET B 121 -2.94 -19.06 18.80
N GLN B 122 -3.56 -19.62 17.76
CA GLN B 122 -3.05 -20.81 17.07
C GLN B 122 -2.57 -20.34 15.70
N LEU B 123 -1.65 -21.09 15.10
CA LEU B 123 -1.34 -20.88 13.67
C LEU B 123 -2.49 -21.46 12.86
N LYS B 124 -2.89 -20.76 11.80
CA LYS B 124 -3.85 -21.30 10.84
C LYS B 124 -3.23 -22.49 10.13
N GLU B 125 -4.06 -23.46 9.77
CA GLU B 125 -3.57 -24.75 9.23
C GLU B 125 -2.65 -24.59 8.02
N GLU B 126 -3.04 -23.73 7.08
CA GLU B 126 -2.23 -23.40 5.90
C GLU B 126 -0.82 -22.80 6.17
N PHE B 127 -0.59 -22.24 7.37
CA PHE B 127 0.72 -21.65 7.72
C PHE B 127 1.52 -22.46 8.76
N ARG B 128 1.30 -23.76 8.85
CA ARG B 128 2.01 -24.62 9.82
C ARG B 128 3.26 -25.32 9.23
N THR B 129 3.79 -24.75 8.14
CA THR B 129 5.09 -25.13 7.58
C THR B 129 5.93 -23.86 7.42
N TYR B 130 7.25 -24.03 7.31
CA TYR B 130 8.15 -22.88 7.24
C TYR B 130 7.95 -22.04 5.99
N GLU B 131 7.90 -22.69 4.84
CA GLU B 131 7.78 -21.97 3.56
C GLU B 131 6.49 -21.17 3.48
N ALA B 132 5.38 -21.77 3.92
CA ALA B 132 4.09 -21.08 3.93
C ALA B 132 4.08 -19.89 4.91
N LEU B 133 4.59 -20.08 6.12
CA LEU B 133 4.65 -19.01 7.12
C LEU B 133 5.58 -17.88 6.69
N ARG B 134 6.75 -18.24 6.17
CA ARG B 134 7.74 -17.25 5.73
C ARG B 134 7.26 -16.41 4.55
N ARG B 135 6.58 -17.04 3.61
CA ARG B 135 6.00 -16.34 2.46
C ARG B 135 5.01 -15.27 2.90
N GLU B 136 4.18 -15.61 3.90
CA GLU B 136 3.20 -14.68 4.45
C GLU B 136 3.88 -13.53 5.18
N HIS B 137 4.91 -13.86 5.96
CA HIS B 137 5.79 -12.89 6.62
C HIS B 137 6.45 -11.93 5.61
N ASP B 138 7.07 -12.49 4.57
CA ASP B 138 7.73 -11.67 3.53
C ASP B 138 6.75 -10.77 2.80
N SER B 139 5.59 -11.30 2.48
CA SER B 139 4.52 -10.54 1.83
C SER B 139 4.11 -9.33 2.66
N GLN B 140 4.03 -9.52 3.97
CA GLN B 140 3.62 -8.44 4.89
C GLN B 140 4.62 -7.28 4.91
N ILE B 141 5.92 -7.59 4.86
CA ILE B 141 6.96 -6.56 4.82
C ILE B 141 6.92 -5.82 3.49
N VAL B 142 6.70 -6.56 2.40
CA VAL B 142 6.52 -5.98 1.07
C VAL B 142 5.26 -5.10 1.02
N GLN B 143 4.20 -5.55 1.69
CA GLN B 143 2.96 -4.79 1.80
C GLN B 143 3.17 -3.49 2.56
N ILE B 144 3.93 -3.54 3.68
CA ILE B 144 4.31 -2.34 4.42
C ILE B 144 5.08 -1.35 3.53
N ALA B 145 6.03 -1.86 2.75
CA ALA B 145 6.82 -1.05 1.80
C ALA B 145 5.94 -0.32 0.76
N MET B 146 4.88 -0.99 0.31
CA MET B 146 3.91 -0.38 -0.61
C MET B 146 3.08 0.74 0.04
N GLU B 147 2.61 0.51 1.26
CA GLU B 147 1.87 1.54 2.02
C GLU B 147 2.74 2.78 2.24
N ALA B 148 3.99 2.55 2.61
CA ALA B 148 4.97 3.64 2.81
C ALA B 148 5.34 4.35 1.49
N GLY B 149 5.19 3.65 0.36
CA GLY B 149 5.42 4.20 -0.97
C GLY B 149 6.82 3.91 -1.49
N LEU B 150 7.34 2.72 -1.16
CA LEU B 150 8.72 2.34 -1.45
C LEU B 150 8.76 1.28 -2.56
N ARG B 151 9.39 1.64 -3.67
CA ARG B 151 9.52 0.77 -4.84
C ARG B 151 10.89 0.07 -4.79
N ILE B 152 10.90 -1.17 -4.32
CA ILE B 152 12.12 -1.95 -4.13
C ILE B 152 12.08 -3.16 -5.06
N ALA B 153 13.18 -3.39 -5.79
CA ALA B 153 13.25 -4.49 -6.76
C ALA B 153 13.51 -5.83 -6.06
N PRO B 154 13.11 -6.97 -6.69
CA PRO B 154 13.37 -8.32 -6.17
C PRO B 154 14.84 -8.60 -5.85
N ASP B 155 15.73 -8.03 -6.68
CA ASP B 155 17.18 -7.98 -6.44
C ASP B 155 17.50 -7.56 -4.99
N GLN B 156 16.95 -6.42 -4.58
CA GLN B 156 17.15 -5.88 -3.22
C GLN B 156 16.47 -6.74 -2.14
N TRP B 157 15.21 -7.11 -2.39
CA TRP B 157 14.42 -7.93 -1.45
C TRP B 157 15.10 -9.23 -1.02
N SER B 158 15.84 -9.85 -1.94
CA SER B 158 16.57 -11.08 -1.64
C SER B 158 17.68 -10.84 -0.61
N SER B 159 18.47 -9.79 -0.83
CA SER B 159 19.58 -9.45 0.08
C SER B 159 19.07 -8.92 1.44
N LEU B 160 18.00 -8.13 1.42
CA LEU B 160 17.40 -7.60 2.65
C LEU B 160 16.81 -8.68 3.56
N LEU B 161 16.06 -9.61 2.97
CA LEU B 161 15.34 -10.64 3.74
C LEU B 161 16.07 -11.96 3.91
N TYR B 162 17.03 -12.27 3.03
CA TYR B 162 17.80 -13.53 3.08
C TYR B 162 19.34 -13.40 3.05
N GLY B 163 19.88 -12.21 2.79
CA GLY B 163 21.33 -12.02 2.66
C GLY B 163 22.00 -12.69 1.48
N ASP B 164 21.25 -12.92 0.40
CA ASP B 164 21.79 -13.57 -0.80
C ASP B 164 21.02 -13.13 -2.07
N GLN B 165 21.36 -13.75 -3.21
CA GLN B 165 20.65 -13.51 -4.47
C GLN B 165 19.99 -14.80 -4.99
N SER B 166 19.44 -15.60 -4.09
CA SER B 166 18.84 -16.90 -4.42
C SER B 166 17.35 -16.97 -4.07
N HIS B 167 16.72 -15.80 -3.88
CA HIS B 167 15.29 -15.72 -3.59
C HIS B 167 14.61 -14.62 -4.42
N LYS B 168 15.13 -14.36 -5.63
CA LYS B 168 14.58 -13.32 -6.49
C LYS B 168 13.20 -13.69 -7.00
N SER B 169 13.07 -14.92 -7.52
CA SER B 169 11.79 -15.43 -8.04
C SER B 169 10.72 -15.49 -6.94
N HIS B 170 11.11 -16.00 -5.77
CA HIS B 170 10.27 -16.00 -4.58
C HIS B 170 9.72 -14.61 -4.27
N MET B 171 10.60 -13.61 -4.27
CA MET B 171 10.21 -12.22 -3.99
C MET B 171 9.44 -11.59 -5.15
N GLN B 172 9.81 -11.94 -6.38
CA GLN B 172 9.10 -11.48 -7.57
C GLN B 172 7.64 -11.94 -7.56
N SER B 173 7.44 -13.23 -7.28
CA SER B 173 6.09 -13.81 -7.21
C SER B 173 5.25 -13.26 -6.04
N ILE B 174 5.91 -12.85 -4.95
CA ILE B 174 5.25 -12.15 -3.86
C ILE B 174 4.74 -10.79 -4.31
N ILE B 175 5.59 -10.02 -5.00
CA ILE B 175 5.19 -8.70 -5.53
C ILE B 175 4.11 -8.84 -6.59
N ASP B 176 4.18 -9.89 -7.41
CA ASP B 176 3.17 -10.13 -8.46
C ASP B 176 1.79 -10.44 -7.87
N LYS B 177 1.75 -11.18 -6.76
CA LYS B 177 0.48 -11.51 -6.09
C LYS B 177 -0.19 -10.27 -5.50
N LEU B 178 0.62 -9.35 -4.96
CA LEU B 178 0.13 -8.09 -4.38
C LEU B 178 -0.17 -6.97 -5.38
N GLN B 179 0.17 -7.18 -6.67
CA GLN B 179 0.11 -6.15 -7.72
C GLN B 179 1.14 -5.05 -7.51
C1 GOL E . 17.25 16.60 -8.83
O1 GOL E . 16.50 16.95 -7.66
C2 GOL E . 18.65 17.21 -8.74
O2 GOL E . 19.46 16.41 -7.87
C3 GOL E . 19.29 17.29 -10.12
O3 GOL E . 18.99 18.54 -10.73
#